data_1T2Y
# 
_entry.id   1T2Y 
# 
_audit_conform.dict_name       mmcif_pdbx.dic 
_audit_conform.dict_version    5.392 
_audit_conform.dict_location   http://mmcif.pdb.org/dictionaries/ascii/mmcif_pdbx.dic 
# 
loop_
_database_2.database_id 
_database_2.database_code 
_database_2.pdbx_database_accession 
_database_2.pdbx_DOI 
PDB   1T2Y         pdb_00001t2y 10.2210/pdb1t2y/pdb 
RCSB  RCSB022245   ?            ?                   
WWPDB D_1000022245 ?            ?                   
# 
loop_
_pdbx_audit_revision_history.ordinal 
_pdbx_audit_revision_history.data_content_type 
_pdbx_audit_revision_history.major_revision 
_pdbx_audit_revision_history.minor_revision 
_pdbx_audit_revision_history.revision_date 
1 'Structure model' 1 0 2004-11-23 
2 'Structure model' 1 1 2008-04-30 
3 'Structure model' 1 2 2011-07-13 
4 'Structure model' 1 3 2022-03-02 
5 'Structure model' 1 4 2024-05-22 
# 
_pdbx_audit_revision_details.ordinal             1 
_pdbx_audit_revision_details.revision_ordinal    1 
_pdbx_audit_revision_details.data_content_type   'Structure model' 
_pdbx_audit_revision_details.provider            repository 
_pdbx_audit_revision_details.type                'Initial release' 
_pdbx_audit_revision_details.description         ? 
_pdbx_audit_revision_details.details             ? 
# 
loop_
_pdbx_audit_revision_group.ordinal 
_pdbx_audit_revision_group.revision_ordinal 
_pdbx_audit_revision_group.data_content_type 
_pdbx_audit_revision_group.group 
1 2 'Structure model' 'Version format compliance' 
2 3 'Structure model' 'Version format compliance' 
3 4 'Structure model' 'Database references'       
4 4 'Structure model' 'Derived calculations'      
5 5 'Structure model' 'Data collection'           
# 
loop_
_pdbx_audit_revision_category.ordinal 
_pdbx_audit_revision_category.revision_ordinal 
_pdbx_audit_revision_category.data_content_type 
_pdbx_audit_revision_category.category 
1 4 'Structure model' database_2            
2 4 'Structure model' pdbx_struct_assembly  
3 4 'Structure model' pdbx_struct_oper_list 
4 5 'Structure model' chem_comp_atom        
5 5 'Structure model' chem_comp_bond        
# 
loop_
_pdbx_audit_revision_item.ordinal 
_pdbx_audit_revision_item.revision_ordinal 
_pdbx_audit_revision_item.data_content_type 
_pdbx_audit_revision_item.item 
1 4 'Structure model' '_database_2.pdbx_DOI'                
2 4 'Structure model' '_database_2.pdbx_database_accession' 
# 
_pdbx_database_status.status_code                     REL 
_pdbx_database_status.entry_id                        1T2Y 
_pdbx_database_status.recvd_initial_deposition_date   2004-04-23 
_pdbx_database_status.deposit_site                    RCSB 
_pdbx_database_status.process_site                    RCSB 
_pdbx_database_status.status_code_mr                  REL 
_pdbx_database_status.SG_entry                        . 
_pdbx_database_status.pdb_format_compatible           Y 
_pdbx_database_status.status_code_sf                  ? 
_pdbx_database_status.status_code_cs                  ? 
_pdbx_database_status.status_code_nmr_data            ? 
_pdbx_database_status.methods_development_category    ? 
# 
loop_
_audit_author.name 
_audit_author.pdbx_ordinal 
'Cobine, P.A.'   1 
'McKay, R.T.'    2 
'Zangger, K.'    3 
'Dameron, C.T.'  4 
'Armitage, I.M.' 5 
# 
_citation.id                        primary 
_citation.title                     'Solution structure of Cu metallothionein from the fungus Neurospora crassa' 
_citation.journal_abbrev            Eur.J.Biochem. 
_citation.journal_volume            271 
_citation.page_first                4213 
_citation.page_last                 4221 
_citation.year                      2004 
_citation.journal_id_ASTM           EJBCAI 
_citation.country                   IX 
_citation.journal_id_ISSN           0014-2956 
_citation.journal_id_CSD            0262 
_citation.book_publisher            ? 
_citation.pdbx_database_id_PubMed   15511227 
_citation.pdbx_database_id_DOI      10.1111/j.1432-1033.2004.04361.x 
# 
loop_
_citation_author.citation_id 
_citation_author.name 
_citation_author.ordinal 
_citation_author.identifier_ORCID 
primary 'Cobine, P.A.'   1 ? 
primary 'McKay, R.T.'    2 ? 
primary 'Zangger, K.'    3 ? 
primary 'Dameron, C.T.'  4 ? 
primary 'Armitage, I.M.' 5 ? 
# 
_entity.id                         1 
_entity.type                       polymer 
_entity.src_method                 syn 
_entity.pdbx_description           Metallothionein 
_entity.formula_weight             2235.421 
_entity.pdbx_number_of_molecules   1 
_entity.pdbx_ec                    ? 
_entity.pdbx_mutation              ? 
_entity.pdbx_fragment              ? 
_entity.details                    ? 
# 
_entity_name_com.entity_id   1 
_entity_name_com.name        MT 
# 
_entity_poly.entity_id                      1 
_entity_poly.type                           'polypeptide(L)' 
_entity_poly.nstd_linkage                   no 
_entity_poly.nstd_monomer                   no 
_entity_poly.pdbx_seq_one_letter_code       GDCGCSGASSCNCGSGCSCSNCGSK 
_entity_poly.pdbx_seq_one_letter_code_can   GDCGCSGASSCNCGSGCSCSNCGSK 
_entity_poly.pdbx_strand_id                 A 
_entity_poly.pdbx_target_identifier         ? 
# 
loop_
_entity_poly_seq.entity_id 
_entity_poly_seq.num 
_entity_poly_seq.mon_id 
_entity_poly_seq.hetero 
1 1  GLY n 
1 2  ASP n 
1 3  CYS n 
1 4  GLY n 
1 5  CYS n 
1 6  SER n 
1 7  GLY n 
1 8  ALA n 
1 9  SER n 
1 10 SER n 
1 11 CYS n 
1 12 ASN n 
1 13 CYS n 
1 14 GLY n 
1 15 SER n 
1 16 GLY n 
1 17 CYS n 
1 18 SER n 
1 19 CYS n 
1 20 SER n 
1 21 ASN n 
1 22 CYS n 
1 23 GLY n 
1 24 SER n 
1 25 LYS n 
# 
_pdbx_entity_src_syn.entity_id              1 
_pdbx_entity_src_syn.pdbx_src_id            1 
_pdbx_entity_src_syn.pdbx_alt_source_flag   sample 
_pdbx_entity_src_syn.pdbx_beg_seq_num       ? 
_pdbx_entity_src_syn.pdbx_end_seq_num       ? 
_pdbx_entity_src_syn.organism_scientific    ? 
_pdbx_entity_src_syn.organism_common_name   ? 
_pdbx_entity_src_syn.ncbi_taxonomy_id       ? 
_pdbx_entity_src_syn.details                
'The peptide was chemically synthesized. The sequence of the peptide occurs naturally in the fungus neurospora crassa.' 
# 
loop_
_chem_comp.id 
_chem_comp.type 
_chem_comp.mon_nstd_flag 
_chem_comp.name 
_chem_comp.pdbx_synonyms 
_chem_comp.formula 
_chem_comp.formula_weight 
ALA 'L-peptide linking' y ALANINE         ? 'C3 H7 N O2'     89.093  
ASN 'L-peptide linking' y ASPARAGINE      ? 'C4 H8 N2 O3'    132.118 
ASP 'L-peptide linking' y 'ASPARTIC ACID' ? 'C4 H7 N O4'     133.103 
CYS 'L-peptide linking' y CYSTEINE        ? 'C3 H7 N O2 S'   121.158 
GLY 'peptide linking'   y GLYCINE         ? 'C2 H5 N O2'     75.067  
LYS 'L-peptide linking' y LYSINE          ? 'C6 H15 N2 O2 1' 147.195 
SER 'L-peptide linking' y SERINE          ? 'C3 H7 N O3'     105.093 
# 
loop_
_pdbx_poly_seq_scheme.asym_id 
_pdbx_poly_seq_scheme.entity_id 
_pdbx_poly_seq_scheme.seq_id 
_pdbx_poly_seq_scheme.mon_id 
_pdbx_poly_seq_scheme.ndb_seq_num 
_pdbx_poly_seq_scheme.pdb_seq_num 
_pdbx_poly_seq_scheme.auth_seq_num 
_pdbx_poly_seq_scheme.pdb_mon_id 
_pdbx_poly_seq_scheme.auth_mon_id 
_pdbx_poly_seq_scheme.pdb_strand_id 
_pdbx_poly_seq_scheme.pdb_ins_code 
_pdbx_poly_seq_scheme.hetero 
A 1 1  GLY 1  1  1  GLY GLY A . n 
A 1 2  ASP 2  2  2  ASP ASP A . n 
A 1 3  CYS 3  3  3  CYS CYS A . n 
A 1 4  GLY 4  4  4  GLY GLY A . n 
A 1 5  CYS 5  5  5  CYS CYS A . n 
A 1 6  SER 6  6  6  SER SER A . n 
A 1 7  GLY 7  7  7  GLY GLY A . n 
A 1 8  ALA 8  8  8  ALA ALA A . n 
A 1 9  SER 9  9  9  SER SER A . n 
A 1 10 SER 10 10 10 SER SER A . n 
A 1 11 CYS 11 11 11 CYS CYS A . n 
A 1 12 ASN 12 12 12 ASN ASN A . n 
A 1 13 CYS 13 13 13 CYS CYS A . n 
A 1 14 GLY 14 14 14 GLY GLY A . n 
A 1 15 SER 15 15 15 SER SER A . n 
A 1 16 GLY 16 16 16 GLY GLY A . n 
A 1 17 CYS 17 17 17 CYS CYS A . n 
A 1 18 SER 18 18 18 SER SER A . n 
A 1 19 CYS 19 19 19 CYS CYS A . n 
A 1 20 SER 20 20 20 SER SER A . n 
A 1 21 ASN 21 21 21 ASN ASN A . n 
A 1 22 CYS 22 22 22 CYS CYS A . n 
A 1 23 GLY 23 23 23 GLY GLY A . n 
A 1 24 SER 24 24 24 SER SER A . n 
A 1 25 LYS 25 25 25 LYS LYS A . n 
# 
_exptl.entry_id          1T2Y 
_exptl.method            'SOLUTION NMR' 
_exptl.crystals_number   ? 
# 
_exptl_crystal.id                    1 
_exptl_crystal.density_meas          ? 
_exptl_crystal.density_percent_sol   ? 
_exptl_crystal.description           ? 
_exptl_crystal.density_Matthews      ? 
# 
_diffrn.id                     1 
_diffrn.ambient_temp           ? 
_diffrn.ambient_temp_details   ? 
_diffrn.crystal_id             1 
# 
_diffrn_radiation.diffrn_id                        1 
_diffrn_radiation.wavelength_id                    1 
_diffrn_radiation.pdbx_monochromatic_or_laue_m_l   M 
_diffrn_radiation.monochromator                    ? 
_diffrn_radiation.pdbx_diffrn_protocol             'SINGLE WAVELENGTH' 
_diffrn_radiation.pdbx_scattering_type             ? 
# 
_diffrn_radiation_wavelength.id           1 
_diffrn_radiation_wavelength.wavelength   . 
_diffrn_radiation_wavelength.wt           1.0 
# 
_struct.entry_id                  1T2Y 
_struct.title                     'NMR solution structure of the protein part of Cu6-Neurospora crassa MT' 
_struct.pdbx_model_details        ? 
_struct.pdbx_CASP_flag            ? 
_struct.pdbx_model_type_details   ? 
# 
_struct_keywords.entry_id        1T2Y 
_struct_keywords.pdbx_keywords   'METAL BINDING PROTEIN' 
_struct_keywords.text            'protein fold, no secondary structural elements, METAL BINDING PROTEIN' 
# 
_struct_asym.id                            A 
_struct_asym.pdbx_blank_PDB_chainid_flag   N 
_struct_asym.pdbx_modified                 N 
_struct_asym.entity_id                     1 
_struct_asym.details                       ? 
# 
_struct_ref.id                         1 
_struct_ref.db_name                    UNP 
_struct_ref.db_code                    MT_NEUCR 
_struct_ref.pdbx_db_accession          P02807 
_struct_ref.entity_id                  1 
_struct_ref.pdbx_seq_one_letter_code   GDCGCSGASSCNCGSGCSCSNCGSK 
_struct_ref.pdbx_align_begin           1 
_struct_ref.pdbx_db_isoform            ? 
# 
_struct_ref_seq.align_id                      1 
_struct_ref_seq.ref_id                        1 
_struct_ref_seq.pdbx_PDB_id_code              1T2Y 
_struct_ref_seq.pdbx_strand_id                A 
_struct_ref_seq.seq_align_beg                 1 
_struct_ref_seq.pdbx_seq_align_beg_ins_code   ? 
_struct_ref_seq.seq_align_end                 25 
_struct_ref_seq.pdbx_seq_align_end_ins_code   ? 
_struct_ref_seq.pdbx_db_accession             P02807 
_struct_ref_seq.db_align_beg                  1 
_struct_ref_seq.pdbx_db_align_beg_ins_code    ? 
_struct_ref_seq.db_align_end                  25 
_struct_ref_seq.pdbx_db_align_end_ins_code    ? 
_struct_ref_seq.pdbx_auth_seq_align_beg       1 
_struct_ref_seq.pdbx_auth_seq_align_end       25 
# 
_pdbx_struct_assembly.id                   1 
_pdbx_struct_assembly.details              author_defined_assembly 
_pdbx_struct_assembly.method_details       ? 
_pdbx_struct_assembly.oligomeric_details   monomeric 
_pdbx_struct_assembly.oligomeric_count     1 
# 
_pdbx_struct_assembly_gen.assembly_id       1 
_pdbx_struct_assembly_gen.oper_expression   1 
_pdbx_struct_assembly_gen.asym_id_list      A 
# 
_pdbx_struct_oper_list.id                   1 
_pdbx_struct_oper_list.type                 'identity operation' 
_pdbx_struct_oper_list.name                 1_555 
_pdbx_struct_oper_list.symmetry_operation   x,y,z 
_pdbx_struct_oper_list.matrix[1][1]         1.0000000000 
_pdbx_struct_oper_list.matrix[1][2]         0.0000000000 
_pdbx_struct_oper_list.matrix[1][3]         0.0000000000 
_pdbx_struct_oper_list.vector[1]            0.0000000000 
_pdbx_struct_oper_list.matrix[2][1]         0.0000000000 
_pdbx_struct_oper_list.matrix[2][2]         1.0000000000 
_pdbx_struct_oper_list.matrix[2][3]         0.0000000000 
_pdbx_struct_oper_list.vector[2]            0.0000000000 
_pdbx_struct_oper_list.matrix[3][1]         0.0000000000 
_pdbx_struct_oper_list.matrix[3][2]         0.0000000000 
_pdbx_struct_oper_list.matrix[3][3]         1.0000000000 
_pdbx_struct_oper_list.vector[3]            0.0000000000 
# 
_struct_biol.id   1 
# 
_pdbx_validate_close_contact.id               1 
_pdbx_validate_close_contact.PDB_model_num    1 
_pdbx_validate_close_contact.auth_atom_id_1   O 
_pdbx_validate_close_contact.auth_asym_id_1   A 
_pdbx_validate_close_contact.auth_comp_id_1   GLY 
_pdbx_validate_close_contact.auth_seq_id_1    7 
_pdbx_validate_close_contact.PDB_ins_code_1   ? 
_pdbx_validate_close_contact.label_alt_id_1   ? 
_pdbx_validate_close_contact.auth_atom_id_2   H 
_pdbx_validate_close_contact.auth_asym_id_2   A 
_pdbx_validate_close_contact.auth_comp_id_2   SER 
_pdbx_validate_close_contact.auth_seq_id_2    10 
_pdbx_validate_close_contact.PDB_ins_code_2   ? 
_pdbx_validate_close_contact.label_alt_id_2   ? 
_pdbx_validate_close_contact.dist             1.50 
# 
loop_
_pdbx_validate_torsion.id 
_pdbx_validate_torsion.PDB_model_num 
_pdbx_validate_torsion.auth_comp_id 
_pdbx_validate_torsion.auth_asym_id 
_pdbx_validate_torsion.auth_seq_id 
_pdbx_validate_torsion.PDB_ins_code 
_pdbx_validate_torsion.label_alt_id 
_pdbx_validate_torsion.phi 
_pdbx_validate_torsion.psi 
1 1 ASP A 2  ? ? 64.23  121.70 
2 1 CYS A 3  ? ? 166.31 69.47  
3 1 ALA A 8  ? ? 36.16  28.14  
4 1 CYS A 13 ? ? -39.71 -28.30 
5 1 SER A 15 ? ? -77.49 -85.05 
6 1 CYS A 17 ? ? -34.27 125.77 
7 1 SER A 18 ? ? -95.36 -73.80 
8 1 CYS A 19 ? ? -38.49 155.17 
9 1 SER A 24 ? ? -47.73 178.38 
# 
_pdbx_nmr_ensemble.entry_id                             1T2Y 
_pdbx_nmr_ensemble.conformers_calculated_total_number   ? 
_pdbx_nmr_ensemble.conformers_submitted_total_number    1 
_pdbx_nmr_ensemble.conformer_selection_criteria         ? 
# 
_pdbx_nmr_representative.entry_id             1T2Y 
_pdbx_nmr_representative.conformer_id         1 
_pdbx_nmr_representative.selection_criteria   'closest to the average' 
# 
_pdbx_nmr_sample_details.solution_id      1 
_pdbx_nmr_sample_details.contents         
'0.5 mM Neurospora crassa MT, 20 mM phosphate buffer, 0.1 mM 2,2-dimethyl-2-silapentane-5-sulfonate, 0.02% NaN3, 90% H2O, 10% D2O' 
_pdbx_nmr_sample_details.solvent_system   '90% H2O/10% D2O' 
# 
_pdbx_nmr_exptl_sample_conditions.conditions_id       1 
_pdbx_nmr_exptl_sample_conditions.temperature         283 
_pdbx_nmr_exptl_sample_conditions.pressure            ambient 
_pdbx_nmr_exptl_sample_conditions.pH                  6.5 
_pdbx_nmr_exptl_sample_conditions.ionic_strength      '20 mM KPi' 
_pdbx_nmr_exptl_sample_conditions.pressure_units      ? 
_pdbx_nmr_exptl_sample_conditions.temperature_units   K 
# 
loop_
_pdbx_nmr_exptl.experiment_id 
_pdbx_nmr_exptl.solution_id 
_pdbx_nmr_exptl.conditions_id 
_pdbx_nmr_exptl.type 
1 1 1 '2D TOCSY' 
2 1 1 '2D NOESY' 
3 1 1 DQF-COSY   
# 
_pdbx_nmr_details.entry_id   1T2Y 
_pdbx_nmr_details.text       'This structure was determined using standard 2D homonuclear techniques' 
# 
_pdbx_nmr_refine.entry_id           1T2Y 
_pdbx_nmr_refine.method             'the hybrid distance geometry-dynamical simulated annealing protocol' 
_pdbx_nmr_refine.details            'the structure was calculated with 152 NOEs and 13 dihedral angle restraints' 
_pdbx_nmr_refine.software_ordinal   1 
# 
loop_
_pdbx_nmr_software.name 
_pdbx_nmr_software.version 
_pdbx_nmr_software.classification 
_pdbx_nmr_software.authors 
_pdbx_nmr_software.ordinal 
NMRPipe 'year 2000' 'data analysis'      ? 1 
X-PLOR  3.851       'structure solution' ? 2 
X-PLOR  3.851       refinement           ? 3 
# 
loop_
_chem_comp_atom.comp_id 
_chem_comp_atom.atom_id 
_chem_comp_atom.type_symbol 
_chem_comp_atom.pdbx_aromatic_flag 
_chem_comp_atom.pdbx_stereo_config 
_chem_comp_atom.pdbx_ordinal 
ALA N    N N N 1   
ALA CA   C N S 2   
ALA C    C N N 3   
ALA O    O N N 4   
ALA CB   C N N 5   
ALA OXT  O N N 6   
ALA H    H N N 7   
ALA H2   H N N 8   
ALA HA   H N N 9   
ALA HB1  H N N 10  
ALA HB2  H N N 11  
ALA HB3  H N N 12  
ALA HXT  H N N 13  
ASN N    N N N 14  
ASN CA   C N S 15  
ASN C    C N N 16  
ASN O    O N N 17  
ASN CB   C N N 18  
ASN CG   C N N 19  
ASN OD1  O N N 20  
ASN ND2  N N N 21  
ASN OXT  O N N 22  
ASN H    H N N 23  
ASN H2   H N N 24  
ASN HA   H N N 25  
ASN HB2  H N N 26  
ASN HB3  H N N 27  
ASN HD21 H N N 28  
ASN HD22 H N N 29  
ASN HXT  H N N 30  
ASP N    N N N 31  
ASP CA   C N S 32  
ASP C    C N N 33  
ASP O    O N N 34  
ASP CB   C N N 35  
ASP CG   C N N 36  
ASP OD1  O N N 37  
ASP OD2  O N N 38  
ASP OXT  O N N 39  
ASP H    H N N 40  
ASP H2   H N N 41  
ASP HA   H N N 42  
ASP HB2  H N N 43  
ASP HB3  H N N 44  
ASP HD2  H N N 45  
ASP HXT  H N N 46  
CYS N    N N N 47  
CYS CA   C N R 48  
CYS C    C N N 49  
CYS O    O N N 50  
CYS CB   C N N 51  
CYS SG   S N N 52  
CYS OXT  O N N 53  
CYS H    H N N 54  
CYS H2   H N N 55  
CYS HA   H N N 56  
CYS HB2  H N N 57  
CYS HB3  H N N 58  
CYS HG   H N N 59  
CYS HXT  H N N 60  
GLY N    N N N 61  
GLY CA   C N N 62  
GLY C    C N N 63  
GLY O    O N N 64  
GLY OXT  O N N 65  
GLY H    H N N 66  
GLY H2   H N N 67  
GLY HA2  H N N 68  
GLY HA3  H N N 69  
GLY HXT  H N N 70  
LYS N    N N N 71  
LYS CA   C N S 72  
LYS C    C N N 73  
LYS O    O N N 74  
LYS CB   C N N 75  
LYS CG   C N N 76  
LYS CD   C N N 77  
LYS CE   C N N 78  
LYS NZ   N N N 79  
LYS OXT  O N N 80  
LYS H    H N N 81  
LYS H2   H N N 82  
LYS HA   H N N 83  
LYS HB2  H N N 84  
LYS HB3  H N N 85  
LYS HG2  H N N 86  
LYS HG3  H N N 87  
LYS HD2  H N N 88  
LYS HD3  H N N 89  
LYS HE2  H N N 90  
LYS HE3  H N N 91  
LYS HZ1  H N N 92  
LYS HZ2  H N N 93  
LYS HZ3  H N N 94  
LYS HXT  H N N 95  
SER N    N N N 96  
SER CA   C N S 97  
SER C    C N N 98  
SER O    O N N 99  
SER CB   C N N 100 
SER OG   O N N 101 
SER OXT  O N N 102 
SER H    H N N 103 
SER H2   H N N 104 
SER HA   H N N 105 
SER HB2  H N N 106 
SER HB3  H N N 107 
SER HG   H N N 108 
SER HXT  H N N 109 
# 
loop_
_chem_comp_bond.comp_id 
_chem_comp_bond.atom_id_1 
_chem_comp_bond.atom_id_2 
_chem_comp_bond.value_order 
_chem_comp_bond.pdbx_aromatic_flag 
_chem_comp_bond.pdbx_stereo_config 
_chem_comp_bond.pdbx_ordinal 
ALA N   CA   sing N N 1   
ALA N   H    sing N N 2   
ALA N   H2   sing N N 3   
ALA CA  C    sing N N 4   
ALA CA  CB   sing N N 5   
ALA CA  HA   sing N N 6   
ALA C   O    doub N N 7   
ALA C   OXT  sing N N 8   
ALA CB  HB1  sing N N 9   
ALA CB  HB2  sing N N 10  
ALA CB  HB3  sing N N 11  
ALA OXT HXT  sing N N 12  
ASN N   CA   sing N N 13  
ASN N   H    sing N N 14  
ASN N   H2   sing N N 15  
ASN CA  C    sing N N 16  
ASN CA  CB   sing N N 17  
ASN CA  HA   sing N N 18  
ASN C   O    doub N N 19  
ASN C   OXT  sing N N 20  
ASN CB  CG   sing N N 21  
ASN CB  HB2  sing N N 22  
ASN CB  HB3  sing N N 23  
ASN CG  OD1  doub N N 24  
ASN CG  ND2  sing N N 25  
ASN ND2 HD21 sing N N 26  
ASN ND2 HD22 sing N N 27  
ASN OXT HXT  sing N N 28  
ASP N   CA   sing N N 29  
ASP N   H    sing N N 30  
ASP N   H2   sing N N 31  
ASP CA  C    sing N N 32  
ASP CA  CB   sing N N 33  
ASP CA  HA   sing N N 34  
ASP C   O    doub N N 35  
ASP C   OXT  sing N N 36  
ASP CB  CG   sing N N 37  
ASP CB  HB2  sing N N 38  
ASP CB  HB3  sing N N 39  
ASP CG  OD1  doub N N 40  
ASP CG  OD2  sing N N 41  
ASP OD2 HD2  sing N N 42  
ASP OXT HXT  sing N N 43  
CYS N   CA   sing N N 44  
CYS N   H    sing N N 45  
CYS N   H2   sing N N 46  
CYS CA  C    sing N N 47  
CYS CA  CB   sing N N 48  
CYS CA  HA   sing N N 49  
CYS C   O    doub N N 50  
CYS C   OXT  sing N N 51  
CYS CB  SG   sing N N 52  
CYS CB  HB2  sing N N 53  
CYS CB  HB3  sing N N 54  
CYS SG  HG   sing N N 55  
CYS OXT HXT  sing N N 56  
GLY N   CA   sing N N 57  
GLY N   H    sing N N 58  
GLY N   H2   sing N N 59  
GLY CA  C    sing N N 60  
GLY CA  HA2  sing N N 61  
GLY CA  HA3  sing N N 62  
GLY C   O    doub N N 63  
GLY C   OXT  sing N N 64  
GLY OXT HXT  sing N N 65  
LYS N   CA   sing N N 66  
LYS N   H    sing N N 67  
LYS N   H2   sing N N 68  
LYS CA  C    sing N N 69  
LYS CA  CB   sing N N 70  
LYS CA  HA   sing N N 71  
LYS C   O    doub N N 72  
LYS C   OXT  sing N N 73  
LYS CB  CG   sing N N 74  
LYS CB  HB2  sing N N 75  
LYS CB  HB3  sing N N 76  
LYS CG  CD   sing N N 77  
LYS CG  HG2  sing N N 78  
LYS CG  HG3  sing N N 79  
LYS CD  CE   sing N N 80  
LYS CD  HD2  sing N N 81  
LYS CD  HD3  sing N N 82  
LYS CE  NZ   sing N N 83  
LYS CE  HE2  sing N N 84  
LYS CE  HE3  sing N N 85  
LYS NZ  HZ1  sing N N 86  
LYS NZ  HZ2  sing N N 87  
LYS NZ  HZ3  sing N N 88  
LYS OXT HXT  sing N N 89  
SER N   CA   sing N N 90  
SER N   H    sing N N 91  
SER N   H2   sing N N 92  
SER CA  C    sing N N 93  
SER CA  CB   sing N N 94  
SER CA  HA   sing N N 95  
SER C   O    doub N N 96  
SER C   OXT  sing N N 97  
SER CB  OG   sing N N 98  
SER CB  HB2  sing N N 99  
SER CB  HB3  sing N N 100 
SER OG  HG   sing N N 101 
SER OXT HXT  sing N N 102 
# 
_pdbx_nmr_spectrometer.spectrometer_id   1 
_pdbx_nmr_spectrometer.type              ? 
_pdbx_nmr_spectrometer.manufacturer      Varian 
_pdbx_nmr_spectrometer.model             INOVA 
_pdbx_nmr_spectrometer.field_strength    800 
# 
_atom_sites.entry_id                    1T2Y 
_atom_sites.fract_transf_matrix[1][1]   1.000000 
_atom_sites.fract_transf_matrix[1][2]   0.000000 
_atom_sites.fract_transf_matrix[1][3]   0.000000 
_atom_sites.fract_transf_matrix[2][1]   0.000000 
_atom_sites.fract_transf_matrix[2][2]   1.000000 
_atom_sites.fract_transf_matrix[2][3]   0.000000 
_atom_sites.fract_transf_matrix[3][1]   0.000000 
_atom_sites.fract_transf_matrix[3][2]   0.000000 
_atom_sites.fract_transf_matrix[3][3]   1.000000 
_atom_sites.fract_transf_vector[1]      0.00000 
_atom_sites.fract_transf_vector[2]      0.00000 
_atom_sites.fract_transf_vector[3]      0.00000 
# 
loop_
_atom_type.symbol 
C 
H 
N 
O 
S 
# 
loop_
_atom_site.group_PDB 
_atom_site.id 
_atom_site.type_symbol 
_atom_site.label_atom_id 
_atom_site.label_alt_id 
_atom_site.label_comp_id 
_atom_site.label_asym_id 
_atom_site.label_entity_id 
_atom_site.label_seq_id 
_atom_site.pdbx_PDB_ins_code 
_atom_site.Cartn_x 
_atom_site.Cartn_y 
_atom_site.Cartn_z 
_atom_site.occupancy 
_atom_site.B_iso_or_equiv 
_atom_site.pdbx_formal_charge 
_atom_site.auth_seq_id 
_atom_site.auth_comp_id 
_atom_site.auth_asym_id 
_atom_site.auth_atom_id 
_atom_site.pdbx_PDB_model_num 
ATOM 1   N N    . GLY A 1 1  ? -0.459 -4.365  -7.982  1.00 0.00 ? 1  GLY A N    1 
ATOM 2   C CA   . GLY A 1 1  ? 0.542  -3.559  -8.738  1.00 0.00 ? 1  GLY A CA   1 
ATOM 3   C C    . GLY A 1 1  ? 0.356  -2.076  -8.412  1.00 0.00 ? 1  GLY A C    1 
ATOM 4   O O    . GLY A 1 1  ? 0.359  -1.233  -9.286  1.00 0.00 ? 1  GLY A O    1 
ATOM 5   H H1   . GLY A 1 1  ? -0.719 -5.205  -8.536  1.00 0.00 ? 1  GLY A H1   1 
ATOM 6   H H2   . GLY A 1 1  ? -1.306 -3.788  -7.807  1.00 0.00 ? 1  GLY A H2   1 
ATOM 7   H H3   . GLY A 1 1  ? -0.048 -4.664  -7.075  1.00 0.00 ? 1  GLY A H3   1 
ATOM 8   H HA2  . GLY A 1 1  ? 1.538  -3.869  -8.458  1.00 0.00 ? 1  GLY A HA2  1 
ATOM 9   H HA3  . GLY A 1 1  ? 0.400  -3.712  -9.797  1.00 0.00 ? 1  GLY A HA3  1 
ATOM 10  N N    . ASP A 1 2  ? 0.194  -1.750  -7.158  1.00 0.00 ? 2  ASP A N    1 
ATOM 11  C CA   . ASP A 1 2  ? 0.007  -0.319  -6.779  1.00 0.00 ? 2  ASP A CA   1 
ATOM 12  C C    . ASP A 1 2  ? -1.294 0.216   -7.377  1.00 0.00 ? 2  ASP A C    1 
ATOM 13  O O    . ASP A 1 2  ? -1.488 0.192   -8.577  1.00 0.00 ? 2  ASP A O    1 
ATOM 14  C CB   . ASP A 1 2  ? 1.203  0.416   -7.381  1.00 0.00 ? 2  ASP A CB   1 
ATOM 15  C CG   . ASP A 1 2  ? 2.478  -0.413  -7.185  1.00 0.00 ? 2  ASP A CG   1 
ATOM 16  O OD1  . ASP A 1 2  ? 2.594  -1.052  -6.152  1.00 0.00 ? 2  ASP A OD1  1 
ATOM 17  O OD2  . ASP A 1 2  ? 3.316  -0.392  -8.072  1.00 0.00 ? 2  ASP A OD2  1 
ATOM 18  H H    . ASP A 1 2  ? 0.193  -2.445  -6.467  1.00 0.00 ? 2  ASP A H    1 
ATOM 19  H HA   . ASP A 1 2  ? 0.006  -0.208  -5.708  1.00 0.00 ? 2  ASP A HA   1 
ATOM 20  H HB2  . ASP A 1 2  ? 1.030  0.573   -8.435  1.00 0.00 ? 2  ASP A HB2  1 
ATOM 21  H HB3  . ASP A 1 2  ? 1.318  1.368   -6.892  1.00 0.00 ? 2  ASP A HB3  1 
ATOM 22  N N    . CYS A 1 3  ? -2.193 0.695   -6.556  1.00 0.00 ? 3  CYS A N    1 
ATOM 23  C CA   . CYS A 1 3  ? -3.486 1.224   -7.088  1.00 0.00 ? 3  CYS A CA   1 
ATOM 24  C C    . CYS A 1 3  ? -4.487 1.406   -5.949  1.00 0.00 ? 3  CYS A C    1 
ATOM 25  O O    . CYS A 1 3  ? -5.458 0.684   -5.843  1.00 0.00 ? 3  CYS A O    1 
ATOM 26  C CB   . CYS A 1 3  ? -3.991 0.151   -8.050  1.00 0.00 ? 3  CYS A CB   1 
ATOM 27  S SG   . CYS A 1 3  ? -4.045 0.819   -9.730  1.00 0.00 ? 3  CYS A SG   1 
ATOM 28  H H    . CYS A 1 3  ? -2.020 0.707   -5.589  1.00 0.00 ? 3  CYS A H    1 
ATOM 29  H HA   . CYS A 1 3  ? -3.332 2.153   -7.614  1.00 0.00 ? 3  CYS A HA   1 
ATOM 30  H HB2  . CYS A 1 3  ? -3.326 -0.698  -8.018  1.00 0.00 ? 3  CYS A HB2  1 
ATOM 31  H HB3  . CYS A 1 3  ? -4.980 -0.157  -7.750  1.00 0.00 ? 3  CYS A HB3  1 
ATOM 32  H HG   . CYS A 1 3  ? -3.319 0.433   -10.227 1.00 0.00 ? 3  CYS A HG   1 
ATOM 33  N N    . GLY A 1 4  ? -4.257 2.352   -5.088  1.00 0.00 ? 4  GLY A N    1 
ATOM 34  C CA   . GLY A 1 4  ? -5.189 2.559   -3.953  1.00 0.00 ? 4  GLY A CA   1 
ATOM 35  C C    . GLY A 1 4  ? -4.398 3.175   -2.818  1.00 0.00 ? 4  GLY A C    1 
ATOM 36  O O    . GLY A 1 4  ? -4.937 3.778   -1.911  1.00 0.00 ? 4  GLY A O    1 
ATOM 37  H H    . GLY A 1 4  ? -3.457 2.924   -5.173  1.00 0.00 ? 4  GLY A H    1 
ATOM 38  H HA2  . GLY A 1 4  ? -5.989 3.220   -4.250  1.00 0.00 ? 4  GLY A HA2  1 
ATOM 39  H HA3  . GLY A 1 4  ? -5.594 1.610   -3.633  1.00 0.00 ? 4  GLY A HA3  1 
ATOM 40  N N    . CYS A 1 5  ? -3.109 3.026   -2.873  1.00 0.00 ? 5  CYS A N    1 
ATOM 41  C CA   . CYS A 1 5  ? -2.250 3.591   -1.825  1.00 0.00 ? 5  CYS A CA   1 
ATOM 42  C C    . CYS A 1 5  ? -2.069 5.083   -2.034  1.00 0.00 ? 5  CYS A C    1 
ATOM 43  O O    . CYS A 1 5  ? -1.316 5.524   -2.876  1.00 0.00 ? 5  CYS A O    1 
ATOM 44  C CB   . CYS A 1 5  ? -0.917 2.884   -1.999  1.00 0.00 ? 5  CYS A CB   1 
ATOM 45  S SG   . CYS A 1 5  ? -0.388 2.197   -0.412  1.00 0.00 ? 5  CYS A SG   1 
ATOM 46  H H    . CYS A 1 5  ? -2.702 2.539   -3.612  1.00 0.00 ? 5  CYS A H    1 
ATOM 47  H HA   . CYS A 1 5  ? -2.653 3.385   -0.847  1.00 0.00 ? 5  CYS A HA   1 
ATOM 48  H HB2  . CYS A 1 5  ? -1.028 2.091   -2.725  1.00 0.00 ? 5  CYS A HB2  1 
ATOM 49  H HB3  . CYS A 1 5  ? -0.184 3.595   -2.349  1.00 0.00 ? 5  CYS A HB3  1 
ATOM 50  H HG   . CYS A 1 5  ? -1.165 1.846   0.032   1.00 0.00 ? 5  CYS A HG   1 
ATOM 51  N N    . SER A 1 6  ? -2.716 5.865   -1.242  1.00 0.00 ? 6  SER A N    1 
ATOM 52  C CA   . SER A 1 6  ? -2.545 7.337   -1.352  1.00 0.00 ? 6  SER A CA   1 
ATOM 53  C C    . SER A 1 6  ? -1.154 7.722   -0.821  1.00 0.00 ? 6  SER A C    1 
ATOM 54  O O    . SER A 1 6  ? -0.856 8.880   -0.612  1.00 0.00 ? 6  SER A O    1 
ATOM 55  C CB   . SER A 1 6  ? -3.638 7.928   -0.467  1.00 0.00 ? 6  SER A CB   1 
ATOM 56  O OG   . SER A 1 6  ? -4.711 8.380   -1.283  1.00 0.00 ? 6  SER A OG   1 
ATOM 57  H H    . SER A 1 6  ? -3.291 5.482   -0.557  1.00 0.00 ? 6  SER A H    1 
ATOM 58  H HA   . SER A 1 6  ? -2.670 7.662   -2.373  1.00 0.00 ? 6  SER A HA   1 
ATOM 59  H HB2  . SER A 1 6  ? -4.000 7.172   0.210   1.00 0.00 ? 6  SER A HB2  1 
ATOM 60  H HB3  . SER A 1 6  ? -3.231 8.753   0.102   1.00 0.00 ? 6  SER A HB3  1 
ATOM 61  H HG   . SER A 1 6  ? -5.533 8.098   -0.875  1.00 0.00 ? 6  SER A HG   1 
ATOM 62  N N    . GLY A 1 7  ? -0.302 6.748   -0.604  1.00 0.00 ? 7  GLY A N    1 
ATOM 63  C CA   . GLY A 1 7  ? 1.067  7.034   -0.091  1.00 0.00 ? 7  GLY A CA   1 
ATOM 64  C C    . GLY A 1 7  ? 1.997  5.945   -0.612  1.00 0.00 ? 7  GLY A C    1 
ATOM 65  O O    . GLY A 1 7  ? 1.756  5.390   -1.659  1.00 0.00 ? 7  GLY A O    1 
ATOM 66  H H    . GLY A 1 7  ? -0.559 5.817   -0.784  1.00 0.00 ? 7  GLY A H    1 
ATOM 67  H HA2  . GLY A 1 7  ? 1.394  8.002   -0.444  1.00 0.00 ? 7  GLY A HA2  1 
ATOM 68  H HA3  . GLY A 1 7  ? 1.063  7.018   0.988   1.00 0.00 ? 7  GLY A HA3  1 
ATOM 69  N N    . ALA A 1 8  ? 3.018  5.586   0.127   1.00 0.00 ? 8  ALA A N    1 
ATOM 70  C CA   . ALA A 1 8  ? 3.925  4.477   -0.327  1.00 0.00 ? 8  ALA A CA   1 
ATOM 71  C C    . ALA A 1 8  ? 4.108  4.501   -1.833  1.00 0.00 ? 8  ALA A C    1 
ATOM 72  O O    . ALA A 1 8  ? 4.323  3.490   -2.463  1.00 0.00 ? 8  ALA A O    1 
ATOM 73  C CB   . ALA A 1 8  ? 3.192  3.223   0.040   1.00 0.00 ? 8  ALA A CB   1 
ATOM 74  H H    . ALA A 1 8  ? 3.150  5.996   1.007   1.00 0.00 ? 8  ALA A H    1 
ATOM 75  H HA   . ALA A 1 8  ? 4.879  4.522   0.159   1.00 0.00 ? 8  ALA A HA   1 
ATOM 76  H HB1  . ALA A 1 8  ? 3.904  2.451   0.268   1.00 0.00 ? 8  ALA A HB1  1 
ATOM 77  H HB2  . ALA A 1 8  ? 2.582  2.923   -0.803  1.00 0.00 ? 8  ALA A HB2  1 
ATOM 78  H HB3  . ALA A 1 8  ? 2.565  3.416   0.892   1.00 0.00 ? 8  ALA A HB3  1 
ATOM 79  N N    . SER A 1 9  ? 4.001  5.632   -2.415  1.00 0.00 ? 9  SER A N    1 
ATOM 80  C CA   . SER A 1 9  ? 4.137  5.706   -3.883  1.00 0.00 ? 9  SER A CA   1 
ATOM 81  C C    . SER A 1 9  ? 3.056  4.836   -4.530  1.00 0.00 ? 9  SER A C    1 
ATOM 82  O O    . SER A 1 9  ? 3.287  4.165   -5.515  1.00 0.00 ? 9  SER A O    1 
ATOM 83  C CB   . SER A 1 9  ? 5.534  5.166   -4.188  1.00 0.00 ? 9  SER A CB   1 
ATOM 84  O OG   . SER A 1 9  ? 6.373  5.367   -3.058  1.00 0.00 ? 9  SER A OG   1 
ATOM 85  H H    . SER A 1 9  ? 3.809  6.428   -1.891  1.00 0.00 ? 9  SER A H    1 
ATOM 86  H HA   . SER A 1 9  ? 4.047  6.717   -4.201  1.00 0.00 ? 9  SER A HA   1 
ATOM 87  H HB2  . SER A 1 9  ? 5.476  4.112   -4.403  1.00 0.00 ? 9  SER A HB2  1 
ATOM 88  H HB3  . SER A 1 9  ? 5.938  5.684   -5.047  1.00 0.00 ? 9  SER A HB3  1 
ATOM 89  H HG   . SER A 1 9  ? 6.544  4.513   -2.657  1.00 0.00 ? 9  SER A HG   1 
ATOM 90  N N    . SER A 1 10 ? 1.879  4.845   -3.962  1.00 0.00 ? 10 SER A N    1 
ATOM 91  C CA   . SER A 1 10 ? 0.757  4.026   -4.503  1.00 0.00 ? 10 SER A CA   1 
ATOM 92  C C    . SER A 1 10 ? 1.018  2.537   -4.259  1.00 0.00 ? 10 SER A C    1 
ATOM 93  O O    . SER A 1 10 ? 0.568  1.687   -4.999  1.00 0.00 ? 10 SER A O    1 
ATOM 94  C CB   . SER A 1 10 ? 0.702  4.354   -5.992  1.00 0.00 ? 10 SER A CB   1 
ATOM 95  O OG   . SER A 1 10 ? 1.477  3.413   -6.720  1.00 0.00 ? 10 SER A OG   1 
ATOM 96  H H    . SER A 1 10 ? 1.734  5.394   -3.162  1.00 0.00 ? 10 SER A H    1 
ATOM 97  H HA   . SER A 1 10 ? -0.167 4.314   -4.038  1.00 0.00 ? 10 SER A HA   1 
ATOM 98  H HB2  . SER A 1 10 ? -0.320 4.307   -6.329  1.00 0.00 ? 10 SER A HB2  1 
ATOM 99  H HB3  . SER A 1 10 ? 1.085  5.354   -6.149  1.00 0.00 ? 10 SER A HB3  1 
ATOM 100 H HG   . SER A 1 10 ? 1.688  3.801   -7.573  1.00 0.00 ? 10 SER A HG   1 
ATOM 101 N N    . CYS A 1 11 ? 1.733  2.217   -3.211  1.00 0.00 ? 11 CYS A N    1 
ATOM 102 C CA   . CYS A 1 11 ? 2.017  0.782   -2.906  1.00 0.00 ? 11 CYS A CA   1 
ATOM 103 C C    . CYS A 1 11 ? 0.802  0.133   -2.227  1.00 0.00 ? 11 CYS A C    1 
ATOM 104 O O    . CYS A 1 11 ? 0.819  -0.169  -1.051  1.00 0.00 ? 11 CYS A O    1 
ATOM 105 C CB   . CYS A 1 11 ? 3.225  0.806   -1.962  1.00 0.00 ? 11 CYS A CB   1 
ATOM 106 S SG   . CYS A 1 11 ? 3.971  -0.842  -1.900  1.00 0.00 ? 11 CYS A SG   1 
ATOM 107 H H    . CYS A 1 11 ? 2.076  2.920   -2.621  1.00 0.00 ? 11 CYS A H    1 
ATOM 108 H HA   . CYS A 1 11 ? 2.269  0.252   -3.810  1.00 0.00 ? 11 CYS A HA   1 
ATOM 109 H HB2  . CYS A 1 11 ? 3.953  1.513   -2.327  1.00 0.00 ? 11 CYS A HB2  1 
ATOM 110 H HB3  . CYS A 1 11 ? 2.908  1.100   -0.971  1.00 0.00 ? 11 CYS A HB3  1 
ATOM 111 H HG   . CYS A 1 11 ? 4.908  -0.750  -2.087  1.00 0.00 ? 11 CYS A HG   1 
ATOM 112 N N    . ASN A 1 12 ? -0.248 -0.090  -2.975  1.00 0.00 ? 12 ASN A N    1 
ATOM 113 C CA   . ASN A 1 12 ? -1.476 -0.725  -2.405  1.00 0.00 ? 12 ASN A CA   1 
ATOM 114 C C    . ASN A 1 12 ? -1.340 -2.248  -2.427  1.00 0.00 ? 12 ASN A C    1 
ATOM 115 O O    . ASN A 1 12 ? -2.318 -2.967  -2.381  1.00 0.00 ? 12 ASN A O    1 
ATOM 116 C CB   . ASN A 1 12 ? -2.606 -0.292  -3.338  1.00 0.00 ? 12 ASN A CB   1 
ATOM 117 C CG   . ASN A 1 12 ? -3.952 -0.465  -2.633  1.00 0.00 ? 12 ASN A CG   1 
ATOM 118 O OD1  . ASN A 1 12 ? -4.042 -0.343  -1.426  1.00 0.00 ? 12 ASN A OD1  1 
ATOM 119 N ND2  . ASN A 1 12 ? -5.011 -0.750  -3.341  1.00 0.00 ? 12 ASN A ND2  1 
ATOM 120 H H    . ASN A 1 12 ? -0.226 0.155   -3.919  1.00 0.00 ? 12 ASN A H    1 
ATOM 121 H HA   . ASN A 1 12 ? -1.666 -0.367  -1.406  1.00 0.00 ? 12 ASN A HA   1 
ATOM 122 H HB2  . ASN A 1 12 ? -2.470 0.741   -3.608  1.00 0.00 ? 12 ASN A HB2  1 
ATOM 123 H HB3  . ASN A 1 12 ? -2.590 -0.901  -4.228  1.00 0.00 ? 12 ASN A HB3  1 
ATOM 124 H HD21 . ASN A 1 12 ? -4.937 -0.849  -4.313  1.00 0.00 ? 12 ASN A HD21 1 
ATOM 125 H HD22 . ASN A 1 12 ? -5.879 -0.864  -2.901  1.00 0.00 ? 12 ASN A HD22 1 
ATOM 126 N N    . CYS A 1 13 ? -0.136 -2.741  -2.529  1.00 0.00 ? 13 CYS A N    1 
ATOM 127 C CA   . CYS A 1 13 ? 0.077  -4.214  -2.592  1.00 0.00 ? 13 CYS A CA   1 
ATOM 128 C C    . CYS A 1 13 ? -0.865 -4.926  -1.634  1.00 0.00 ? 13 CYS A C    1 
ATOM 129 O O    . CYS A 1 13 ? -1.246 -6.061  -1.834  1.00 0.00 ? 13 CYS A O    1 
ATOM 130 C CB   . CYS A 1 13 ? 1.529  -4.406  -2.160  1.00 0.00 ? 13 CYS A CB   1 
ATOM 131 S SG   . CYS A 1 13 ? 2.627  -3.826  -3.477  1.00 0.00 ? 13 CYS A SG   1 
ATOM 132 H H    . CYS A 1 13 ? 0.625  -2.141  -2.597  1.00 0.00 ? 13 CYS A H    1 
ATOM 133 H HA   . CYS A 1 13 ? -0.046 -4.568  -3.594  1.00 0.00 ? 13 CYS A HA   1 
ATOM 134 H HB2  . CYS A 1 13 ? 1.716  -3.839  -1.261  1.00 0.00 ? 13 CYS A HB2  1 
ATOM 135 H HB3  . CYS A 1 13 ? 1.714  -5.453  -1.973  1.00 0.00 ? 13 CYS A HB3  1 
ATOM 136 H HG   . CYS A 1 13 ? 2.132  -3.213  -4.026  1.00 0.00 ? 13 CYS A HG   1 
ATOM 137 N N    . GLY A 1 14 ? -1.230 -4.253  -0.591  1.00 0.00 ? 14 GLY A N    1 
ATOM 138 C CA   . GLY A 1 14 ? -2.147 -4.863  0.413   1.00 0.00 ? 14 GLY A CA   1 
ATOM 139 C C    . GLY A 1 14 ? -1.420 -6.007  1.117   1.00 0.00 ? 14 GLY A C    1 
ATOM 140 O O    . GLY A 1 14 ? -1.157 -5.956  2.303   1.00 0.00 ? 14 GLY A O    1 
ATOM 141 H H    . GLY A 1 14 ? -0.893 -3.342  -0.468  1.00 0.00 ? 14 GLY A H    1 
ATOM 142 H HA2  . GLY A 1 14 ? -2.439 -4.116  1.138   1.00 0.00 ? 14 GLY A HA2  1 
ATOM 143 H HA3  . GLY A 1 14 ? -3.024 -5.248  -0.083  1.00 0.00 ? 14 GLY A HA3  1 
ATOM 144 N N    . SER A 1 15 ? -1.081 -7.035  0.389   1.00 0.00 ? 15 SER A N    1 
ATOM 145 C CA   . SER A 1 15 ? -0.357 -8.180  1.006   1.00 0.00 ? 15 SER A CA   1 
ATOM 146 C C    . SER A 1 15 ? 1.112  -7.817  1.197   1.00 0.00 ? 15 SER A C    1 
ATOM 147 O O    . SER A 1 15 ? 1.526  -7.372  2.248   1.00 0.00 ? 15 SER A O    1 
ATOM 148 C CB   . SER A 1 15 ? -0.504 -9.325  0.006   1.00 0.00 ? 15 SER A CB   1 
ATOM 149 O OG   . SER A 1 15 ? -1.643 -10.102 0.348   1.00 0.00 ? 15 SER A OG   1 
ATOM 150 H H    . SER A 1 15 ? -1.295 -7.049  -0.567  1.00 0.00 ? 15 SER A H    1 
ATOM 151 H HA   . SER A 1 15 ? -0.799 -8.450  1.943   1.00 0.00 ? 15 SER A HA   1 
ATOM 152 H HB2  . SER A 1 15 ? -0.630 -8.925  -0.985  1.00 0.00 ? 15 SER A HB2  1 
ATOM 153 H HB3  . SER A 1 15 ? 0.387  -9.940  0.032   1.00 0.00 ? 15 SER A HB3  1 
ATOM 154 H HG   . SER A 1 15 ? -1.339 -10.897 0.793   1.00 0.00 ? 15 SER A HG   1 
ATOM 155 N N    . GLY A 1 16 ? 1.895  -8.002  0.180   1.00 0.00 ? 16 GLY A N    1 
ATOM 156 C CA   . GLY A 1 16 ? 3.346  -7.669  0.278   1.00 0.00 ? 16 GLY A CA   1 
ATOM 157 C C    . GLY A 1 16 ? 3.514  -6.333  1.005   1.00 0.00 ? 16 GLY A C    1 
ATOM 158 O O    . GLY A 1 16 ? 4.323  -6.212  1.902   1.00 0.00 ? 16 GLY A O    1 
ATOM 159 H H    . GLY A 1 16 ? 1.527  -8.361  -0.650  1.00 0.00 ? 16 GLY A H    1 
ATOM 160 H HA2  . GLY A 1 16 ? 3.857  -8.446  0.826   1.00 0.00 ? 16 GLY A HA2  1 
ATOM 161 H HA3  . GLY A 1 16 ? 3.764  -7.590  -0.714  1.00 0.00 ? 16 GLY A HA3  1 
ATOM 162 N N    . CYS A 1 17 ? 2.761  -5.334  0.612   1.00 0.00 ? 17 CYS A N    1 
ATOM 163 C CA   . CYS A 1 17 ? 2.867  -3.990  1.264   1.00 0.00 ? 17 CYS A CA   1 
ATOM 164 C C    . CYS A 1 17 ? 3.184  -4.156  2.762   1.00 0.00 ? 17 CYS A C    1 
ATOM 165 O O    . CYS A 1 17 ? 2.501  -4.864  3.475   1.00 0.00 ? 17 CYS A O    1 
ATOM 166 C CB   . CYS A 1 17 ? 1.487  -3.340  1.010   1.00 0.00 ? 17 CYS A CB   1 
ATOM 167 S SG   . CYS A 1 17 ? 0.852  -2.508  2.496   1.00 0.00 ? 17 CYS A SG   1 
ATOM 168 H H    . CYS A 1 17 ? 2.131  -5.465  -0.126  1.00 0.00 ? 17 CYS A H    1 
ATOM 169 H HA   . CYS A 1 17 ? 3.633  -3.404  0.780   1.00 0.00 ? 17 CYS A HA   1 
ATOM 170 H HB2  . CYS A 1 17 ? 1.582  -2.612  0.216   1.00 0.00 ? 17 CYS A HB2  1 
ATOM 171 H HB3  . CYS A 1 17 ? 0.786  -4.103  0.700   1.00 0.00 ? 17 CYS A HB3  1 
ATOM 172 H HG   . CYS A 1 17 ? 0.128  -3.034  2.844   1.00 0.00 ? 17 CYS A HG   1 
ATOM 173 N N    . SER A 1 18 ? 4.229  -3.527  3.233   1.00 0.00 ? 18 SER A N    1 
ATOM 174 C CA   . SER A 1 18 ? 4.606  -3.670  4.671   1.00 0.00 ? 18 SER A CA   1 
ATOM 175 C C    . SER A 1 18 ? 4.035  -2.531  5.510   1.00 0.00 ? 18 SER A C    1 
ATOM 176 O O    . SER A 1 18 ? 3.106  -2.702  6.272   1.00 0.00 ? 18 SER A O    1 
ATOM 177 C CB   . SER A 1 18 ? 6.133  -3.611  4.675   1.00 0.00 ? 18 SER A CB   1 
ATOM 178 O OG   . SER A 1 18 ? 6.653  -4.857  4.231   1.00 0.00 ? 18 SER A OG   1 
ATOM 179 H H    . SER A 1 18 ? 4.780  -2.975  2.639   1.00 0.00 ? 18 SER A H    1 
ATOM 180 H HA   . SER A 1 18 ? 4.284  -4.614  5.053   1.00 0.00 ? 18 SER A HA   1 
ATOM 181 H HB2  . SER A 1 18 ? 6.467  -2.831  4.011   1.00 0.00 ? 18 SER A HB2  1 
ATOM 182 H HB3  . SER A 1 18 ? 6.482  -3.400  5.678   1.00 0.00 ? 18 SER A HB3  1 
ATOM 183 H HG   . SER A 1 18 ? 6.352  -4.999  3.332   1.00 0.00 ? 18 SER A HG   1 
ATOM 184 N N    . CYS A 1 19 ? 4.608  -1.379  5.377   1.00 0.00 ? 19 CYS A N    1 
ATOM 185 C CA   . CYS A 1 19 ? 4.144  -0.196  6.167   1.00 0.00 ? 19 CYS A CA   1 
ATOM 186 C C    . CYS A 1 19 ? 2.616  -0.185  6.295   1.00 0.00 ? 19 CYS A C    1 
ATOM 187 O O    . CYS A 1 19 ? 1.908  -0.740  5.479   1.00 0.00 ? 19 CYS A O    1 
ATOM 188 C CB   . CYS A 1 19 ? 4.624  1.019   5.375   1.00 0.00 ? 19 CYS A CB   1 
ATOM 189 S SG   . CYS A 1 19 ? 6.407  1.223   5.610   1.00 0.00 ? 19 CYS A SG   1 
ATOM 190 H H    . CYS A 1 19 ? 5.362  -1.293  4.761   1.00 0.00 ? 19 CYS A H    1 
ATOM 191 H HA   . CYS A 1 19 ? 4.601  -0.198  7.144   1.00 0.00 ? 19 CYS A HA   1 
ATOM 192 H HB2  . CYS A 1 19 ? 4.414  0.872   4.326   1.00 0.00 ? 19 CYS A HB2  1 
ATOM 193 H HB3  . CYS A 1 19 ? 4.112  1.903   5.725   1.00 0.00 ? 19 CYS A HB3  1 
ATOM 194 H HG   . CYS A 1 19 ? 6.848  0.488   5.178   1.00 0.00 ? 19 CYS A HG   1 
ATOM 195 N N    . SER A 1 20 ? 2.105  0.449   7.320   1.00 0.00 ? 20 SER A N    1 
ATOM 196 C CA   . SER A 1 20 ? 0.626  0.504   7.507   1.00 0.00 ? 20 SER A CA   1 
ATOM 197 C C    . SER A 1 20 ? -0.008 1.380   6.423   1.00 0.00 ? 20 SER A C    1 
ATOM 198 O O    . SER A 1 20 ? -0.934 0.974   5.749   1.00 0.00 ? 20 SER A O    1 
ATOM 199 C CB   . SER A 1 20 ? 0.423  1.124   8.889   1.00 0.00 ? 20 SER A CB   1 
ATOM 200 O OG   . SER A 1 20 ? 1.344  2.194   9.065   1.00 0.00 ? 20 SER A OG   1 
ATOM 201 H H    . SER A 1 20 ? 2.695  0.892   7.965   1.00 0.00 ? 20 SER A H    1 
ATOM 202 H HA   . SER A 1 20 ? 0.206  -0.490  7.483   1.00 0.00 ? 20 SER A HA   1 
ATOM 203 H HB2  . SER A 1 20 ? -0.583 1.504   8.972   1.00 0.00 ? 20 SER A HB2  1 
ATOM 204 H HB3  . SER A 1 20 ? 0.583  0.368   9.648   1.00 0.00 ? 20 SER A HB3  1 
ATOM 205 H HG   . SER A 1 20 ? 1.074  2.693   9.840   1.00 0.00 ? 20 SER A HG   1 
ATOM 206 N N    . ASN A 1 21 ? 0.488  2.575   6.242   1.00 0.00 ? 21 ASN A N    1 
ATOM 207 C CA   . ASN A 1 21 ? -0.087 3.460   5.190   1.00 0.00 ? 21 ASN A CA   1 
ATOM 208 C C    . ASN A 1 21 ? -0.048 2.733   3.848   1.00 0.00 ? 21 ASN A C    1 
ATOM 209 O O    . ASN A 1 21 ? -0.928 2.873   3.023   1.00 0.00 ? 21 ASN A O    1 
ATOM 210 C CB   . ASN A 1 21 ? 0.816  4.694   5.160   1.00 0.00 ? 21 ASN A CB   1 
ATOM 211 C CG   . ASN A 1 21 ? 0.148  5.797   4.335   1.00 0.00 ? 21 ASN A CG   1 
ATOM 212 O OD1  . ASN A 1 21 ? 0.661  6.199   3.310   1.00 0.00 ? 21 ASN A OD1  1 
ATOM 213 N ND2  . ASN A 1 21 ? -0.982 6.306   4.742   1.00 0.00 ? 21 ASN A ND2  1 
ATOM 214 H H    . ASN A 1 21 ? 1.241  2.883   6.788   1.00 0.00 ? 21 ASN A H    1 
ATOM 215 H HA   . ASN A 1 21 ? -1.098 3.743   5.441   1.00 0.00 ? 21 ASN A HA   1 
ATOM 216 H HB2  . ASN A 1 21 ? 0.980  5.046   6.170   1.00 0.00 ? 21 ASN A HB2  1 
ATOM 217 H HB3  . ASN A 1 21 ? 1.764  4.437   4.711   1.00 0.00 ? 21 ASN A HB3  1 
ATOM 218 H HD21 . ASN A 1 21 ? -1.396 5.983   5.570   1.00 0.00 ? 21 ASN A HD21 1 
ATOM 219 H HD22 . ASN A 1 21 ? -1.417 7.012   4.221   1.00 0.00 ? 21 ASN A HD22 1 
ATOM 220 N N    . CYS A 1 22 ? 0.970  1.947   3.632   1.00 0.00 ? 22 CYS A N    1 
ATOM 221 C CA   . CYS A 1 22 ? 1.077  1.193   2.353   1.00 0.00 ? 22 CYS A CA   1 
ATOM 222 C C    . CYS A 1 22 ? -0.150 0.293   2.179   1.00 0.00 ? 22 CYS A C    1 
ATOM 223 O O    . CYS A 1 22 ? -0.506 -0.090  1.083   1.00 0.00 ? 22 CYS A O    1 
ATOM 224 C CB   . CYS A 1 22 ? 2.344  0.355   2.506   1.00 0.00 ? 22 CYS A CB   1 
ATOM 225 S SG   . CYS A 1 22 ? 2.704  -0.490  0.949   1.00 0.00 ? 22 CYS A SG   1 
ATOM 226 H H    . CYS A 1 22 ? 1.663  1.848   4.317   1.00 0.00 ? 22 CYS A H    1 
ATOM 227 H HA   . CYS A 1 22 ? 1.176  1.869   1.520   1.00 0.00 ? 22 CYS A HA   1 
ATOM 228 H HB2  . CYS A 1 22 ? 3.172  0.997   2.766   1.00 0.00 ? 22 CYS A HB2  1 
ATOM 229 H HB3  . CYS A 1 22 ? 2.197  -0.377  3.287   1.00 0.00 ? 22 CYS A HB3  1 
ATOM 230 H HG   . CYS A 1 22 ? 3.628  -0.751  0.961   1.00 0.00 ? 22 CYS A HG   1 
ATOM 231 N N    . GLY A 1 23 ? -0.797 -0.044  3.259   1.00 0.00 ? 23 GLY A N    1 
ATOM 232 C CA   . GLY A 1 23 ? -2.002 -0.914  3.170   1.00 0.00 ? 23 GLY A CA   1 
ATOM 233 C C    . GLY A 1 23 ? -2.581 -1.114  4.572   1.00 0.00 ? 23 GLY A C    1 
ATOM 234 O O    . GLY A 1 23 ? -2.321 -2.105  5.226   1.00 0.00 ? 23 GLY A O    1 
ATOM 235 H H    . GLY A 1 23 ? -0.489 0.277   4.132   1.00 0.00 ? 23 GLY A H    1 
ATOM 236 H HA2  . GLY A 1 23 ? -2.740 -0.441  2.537   1.00 0.00 ? 23 GLY A HA2  1 
ATOM 237 H HA3  . GLY A 1 23 ? -1.730 -1.872  2.754   1.00 0.00 ? 23 GLY A HA3  1 
ATOM 238 N N    . SER A 1 24 ? -3.357 -0.175  5.041   1.00 0.00 ? 24 SER A N    1 
ATOM 239 C CA   . SER A 1 24 ? -3.947 -0.304  6.406   1.00 0.00 ? 24 SER A CA   1 
ATOM 240 C C    . SER A 1 24 ? -4.562 -1.692  6.594   1.00 0.00 ? 24 SER A C    1 
ATOM 241 O O    . SER A 1 24 ? -4.561 -2.513  5.698   1.00 0.00 ? 24 SER A O    1 
ATOM 242 C CB   . SER A 1 24 ? -5.031 0.772   6.470   1.00 0.00 ? 24 SER A CB   1 
ATOM 243 O OG   . SER A 1 24 ? -5.655 0.885   5.198   1.00 0.00 ? 24 SER A OG   1 
ATOM 244 H H    . SER A 1 24 ? -3.548 0.618   4.498   1.00 0.00 ? 24 SER A H    1 
ATOM 245 H HA   . SER A 1 24 ? -3.199 -0.117  7.159   1.00 0.00 ? 24 SER A HA   1 
ATOM 246 H HB2  . SER A 1 24 ? -5.769 0.498   7.205   1.00 0.00 ? 24 SER A HB2  1 
ATOM 247 H HB3  . SER A 1 24 ? -4.583 1.717   6.748   1.00 0.00 ? 24 SER A HB3  1 
ATOM 248 H HG   . SER A 1 24 ? -6.310 0.187   5.125   1.00 0.00 ? 24 SER A HG   1 
ATOM 249 N N    . LYS A 1 25 ? -5.090 -1.959  7.759   1.00 0.00 ? 25 LYS A N    1 
ATOM 250 C CA   . LYS A 1 25 ? -5.709 -3.292  8.015   1.00 0.00 ? 25 LYS A CA   1 
ATOM 251 C C    . LYS A 1 25 ? -6.528 -3.739  6.801   1.00 0.00 ? 25 LYS A C    1 
ATOM 252 O O    . LYS A 1 25 ? -6.698 -4.936  6.634   1.00 0.00 ? 25 LYS A O    1 
ATOM 253 C CB   . LYS A 1 25 ? -6.621 -3.073  9.222   1.00 0.00 ? 25 LYS A CB   1 
ATOM 254 C CG   . LYS A 1 25 ? -6.047 -3.806  10.438  1.00 0.00 ? 25 LYS A CG   1 
ATOM 255 C CD   . LYS A 1 25 ? -5.621 -2.785  11.495  1.00 0.00 ? 25 LYS A CD   1 
ATOM 256 C CE   . LYS A 1 25 ? -6.029 -3.284  12.883  1.00 0.00 ? 25 LYS A CE   1 
ATOM 257 N NZ   . LYS A 1 25 ? -6.319 -2.050  13.665  1.00 0.00 ? 25 LYS A NZ   1 
ATOM 258 O OXT  . LYS A 1 25 ? -6.969 -2.877  6.057   1.00 0.00 ? 25 LYS A OXT  1 
ATOM 259 H H    . LYS A 1 25 ? -5.080 -1.282  8.466   1.00 0.00 ? 25 LYS A H    1 
ATOM 260 H HA   . LYS A 1 25 ? -4.952 -4.021  8.252   1.00 0.00 ? 25 LYS A HA   1 
ATOM 261 H HB2  . LYS A 1 25 ? -6.686 -2.015  9.437   1.00 0.00 ? 25 LYS A HB2  1 
ATOM 262 H HB3  . LYS A 1 25 ? -7.606 -3.457  9.004   1.00 0.00 ? 25 LYS A HB3  1 
ATOM 263 H HG2  . LYS A 1 25 ? -6.800 -4.462  10.852  1.00 0.00 ? 25 LYS A HG2  1 
ATOM 264 H HG3  . LYS A 1 25 ? -5.189 -4.387  10.136  1.00 0.00 ? 25 LYS A HG3  1 
ATOM 265 H HD2  . LYS A 1 25 ? -4.550 -2.656  11.458  1.00 0.00 ? 25 LYS A HD2  1 
ATOM 266 H HD3  . LYS A 1 25 ? -6.105 -1.840  11.297  1.00 0.00 ? 25 LYS A HD3  1 
ATOM 267 H HE2  . LYS A 1 25 ? -6.912 -3.904  12.812  1.00 0.00 ? 25 LYS A HE2  1 
ATOM 268 H HE3  . LYS A 1 25 ? -5.219 -3.830  13.340  1.00 0.00 ? 25 LYS A HE3  1 
ATOM 269 H HZ1  . LYS A 1 25 ? -7.139 -1.562  13.253  1.00 0.00 ? 25 LYS A HZ1  1 
ATOM 270 H HZ2  . LYS A 1 25 ? -5.491 -1.421  13.637  1.00 0.00 ? 25 LYS A HZ2  1 
ATOM 271 H HZ3  . LYS A 1 25 ? -6.529 -2.305  14.651  1.00 0.00 ? 25 LYS A HZ3  1 
# 
